data_8U03
#
_entry.id   8U03
#
_cell.length_a   69.599
_cell.length_b   85.218
_cell.length_c   175.432
_cell.angle_alpha   90.000
_cell.angle_beta   90.000
_cell.angle_gamma   90.000
#
_symmetry.space_group_name_H-M   'P 21 21 21'
#
loop_
_entity.id
_entity.type
_entity.pdbx_description
1 polymer '10E8-NGS-03 Fab heavy chain'
2 polymer '10E8-NGS-03 Fab Light Chain'
3 polymer '10E8-GT10.1 epitope scaffold'
4 non-polymer 'PENTAETHYLENE GLYCOL'
5 non-polymer IMIDAZOLE
6 water water
#
loop_
_entity_poly.entity_id
_entity_poly.type
_entity_poly.pdbx_seq_one_letter_code
_entity_poly.pdbx_strand_id
1 'polypeptide(L)'
;EVQLVESGGALVKPGGSLRLSCAASGFTFSNAWMSWVRQAPGKGLEWVGRIKSKTDGGTTDYAAPVKGRFTISRDDSKNT
LYLQMNSLKTEDTAVYYCTTVQTYYDFWSGYYQQHYYFDYWGQGTLVTVSSASTKGPSVFPLAPSSKSTSGGTAALGCLV
KDYFPEPVTVSWNSGALTSGVHTFPAVLQSSGLYSLSSVVTVPSSSLGTQTYICNVNHKPSNTKVDKRVEPK
;
H
2 'polypeptide(L)'
;ELTQDPAVSVALGQTVRITCQGDSLRSYYASWYQQKPGQAPVLVIYGKNNRPSGIPDRFSGSSSGNTASLTITGAQAEDE
ADYYCNSRDSSGNHLWVFGGGTKLTVLGQPKAAPSVTLFPPSSEELQANKATLVCLISDFYPGAVTVAWKADSSPVKAGV
ETTTPSKQSNNKYAASSYLSLTPEQWKSHRSYSCQVTHEGSTVEKTVAPTE
;
L
3 'polypeptide(L)'
;EVTQEDIIRALASPLIKDGMVDEDFAEYVIEREKRSPTGLQVKGVGVAIPHTLGEYVRDNAISVGILDKPVNFEGWYQSP
DPVPVRVVFMLAGRTWDDIVNVLKWIKDVILDEEFMKRLLTMSDEEIYRQIYTRISKAPGMRGIHFKREYVRHLG
;
C
#
loop_
_chem_comp.id
_chem_comp.type
_chem_comp.name
_chem_comp.formula
1PE non-polymer 'PENTAETHYLENE GLYCOL' 'C10 H22 O6'
IMD non-polymer IMIDAZOLE 'C3 H5 N2 1'
#
# COMPACT_ATOMS: atom_id res chain seq x y z
N GLU A 1 8.81 7.74 4.03
CA GLU A 1 8.72 8.76 5.08
C GLU A 1 7.26 9.03 5.43
N VAL A 2 6.38 8.84 4.45
CA VAL A 2 4.94 9.01 4.66
C VAL A 2 4.40 7.74 5.31
N GLN A 3 3.87 7.88 6.53
CA GLN A 3 3.38 6.75 7.30
C GLN A 3 1.94 7.02 7.73
N LEU A 4 1.07 6.05 7.49
CA LEU A 4 -0.33 6.10 7.87
C LEU A 4 -0.63 4.87 8.71
N VAL A 5 -1.03 5.08 9.97
CA VAL A 5 -1.25 4.00 10.91
C VAL A 5 -2.71 3.98 11.32
N GLU A 6 -3.40 2.87 11.04
CA GLU A 6 -4.79 2.69 11.43
C GLU A 6 -4.88 2.08 12.83
N SER A 7 -6.02 2.31 13.47
CA SER A 7 -6.29 1.76 14.79
C SER A 7 -7.79 1.79 15.03
N GLY A 8 -8.24 0.92 15.92
CA GLY A 8 -9.65 0.81 16.25
C GLY A 8 -10.29 -0.51 15.87
N GLY A 9 -9.60 -1.38 15.15
CA GLY A 9 -10.17 -2.66 14.77
C GLY A 9 -10.45 -3.56 15.95
N ALA A 10 -11.71 -3.91 16.14
CA ALA A 10 -12.13 -4.76 17.25
C ALA A 10 -13.43 -5.46 16.87
N LEU A 11 -13.93 -6.29 17.79
CA LEU A 11 -15.19 -6.96 17.59
C LEU A 11 -16.34 -6.05 17.99
N VAL A 12 -17.37 -5.99 17.15
CA VAL A 12 -18.52 -5.13 17.37
C VAL A 12 -19.79 -5.89 17.01
N LYS A 13 -20.82 -5.73 17.82
CA LYS A 13 -22.08 -6.42 17.57
C LYS A 13 -22.82 -5.77 16.40
N PRO A 14 -23.64 -6.53 15.68
CA PRO A 14 -24.46 -5.94 14.63
C PRO A 14 -25.41 -4.89 15.19
N GLY A 15 -25.38 -3.71 14.61
CA GLY A 15 -26.13 -2.57 15.12
C GLY A 15 -25.31 -1.64 15.99
N GLY A 16 -24.06 -1.98 16.29
CA GLY A 16 -23.21 -1.16 17.12
C GLY A 16 -22.42 -0.13 16.34
N SER A 17 -21.68 0.68 17.08
CA SER A 17 -20.88 1.75 16.50
C SER A 17 -19.40 1.51 16.82
N LEU A 18 -18.54 2.18 16.06
CA LEU A 18 -17.09 2.03 16.22
C LEU A 18 -16.41 3.16 15.47
N ARG A 19 -15.39 3.75 16.10
CA ARG A 19 -14.64 4.85 15.50
C ARG A 19 -13.22 4.38 15.21
N LEU A 20 -12.86 4.35 13.92
CA LEU A 20 -11.51 4.03 13.50
C LEU A 20 -10.70 5.31 13.36
N SER A 21 -9.45 5.26 13.80
CA SER A 21 -8.54 6.39 13.72
C SER A 21 -7.37 6.04 12.80
N CYS A 22 -6.80 7.07 12.20
CA CYS A 22 -5.59 6.90 11.38
C CYS A 22 -4.68 8.10 11.62
N ALA A 23 -3.50 7.82 12.14
CA ALA A 23 -2.48 8.84 12.38
C ALA A 23 -1.60 8.96 11.15
N ALA A 24 -1.34 10.19 10.73
CA ALA A 24 -0.57 10.49 9.53
C ALA A 24 0.72 11.21 9.90
N SER A 25 1.79 10.86 9.22
CA SER A 25 3.08 11.51 9.41
C SER A 25 3.85 11.52 8.10
N GLY A 26 4.75 12.49 7.96
CA GLY A 26 5.58 12.60 6.79
C GLY A 26 5.07 13.55 5.72
N PHE A 27 3.94 14.21 5.93
CA PHE A 27 3.41 15.16 4.96
C PHE A 27 2.50 16.14 5.68
N THR A 28 2.23 17.26 5.01
CA THR A 28 1.30 18.26 5.53
C THR A 28 -0.12 17.71 5.43
N PHE A 29 -0.61 17.15 6.53
CA PHE A 29 -1.93 16.54 6.56
C PHE A 29 -3.05 17.56 6.31
N SER A 30 -2.79 18.85 6.53
CA SER A 30 -3.84 19.85 6.38
C SER A 30 -4.28 20.01 4.94
N ASN A 31 -3.37 19.77 3.98
CA ASN A 31 -3.65 20.02 2.57
C ASN A 31 -3.89 18.75 1.78
N ALA A 32 -3.97 17.59 2.44
CA ALA A 32 -4.10 16.31 1.76
C ALA A 32 -5.53 15.80 1.87
N TRP A 33 -6.11 15.45 0.72
CA TRP A 33 -7.38 14.76 0.71
C TRP A 33 -7.20 13.34 1.21
N MET A 34 -8.13 12.86 2.02
CA MET A 34 -8.01 11.56 2.64
C MET A 34 -9.17 10.67 2.21
N SER A 35 -8.94 9.36 2.23
CA SER A 35 -9.97 8.41 1.83
C SER A 35 -9.88 7.16 2.68
N TRP A 36 -11.04 6.51 2.85
CA TRP A 36 -11.13 5.20 3.47
C TRP A 36 -11.54 4.19 2.41
N VAL A 37 -10.76 3.11 2.30
CA VAL A 37 -11.05 1.97 1.43
C VAL A 37 -11.22 0.75 2.32
N ARG A 38 -12.02 -0.21 1.88
CA ARG A 38 -12.20 -1.43 2.66
C ARG A 38 -12.14 -2.65 1.74
N GLN A 39 -11.78 -3.78 2.36
CA GLN A 39 -11.64 -5.05 1.66
C GLN A 39 -12.22 -6.14 2.54
N ALA A 40 -13.31 -6.76 2.10
CA ALA A 40 -13.91 -7.86 2.83
C ALA A 40 -13.02 -9.10 2.73
N PRO A 41 -13.18 -10.04 3.67
CA PRO A 41 -12.37 -11.27 3.62
C PRO A 41 -12.57 -12.03 2.33
N GLY A 42 -11.50 -12.16 1.55
CA GLY A 42 -11.54 -12.87 0.29
C GLY A 42 -12.21 -12.13 -0.86
N LYS A 43 -12.40 -10.82 -0.74
CA LYS A 43 -13.01 -10.06 -1.82
C LYS A 43 -12.12 -8.90 -2.27
N GLY A 44 -12.68 -8.00 -3.08
CA GLY A 44 -11.92 -6.94 -3.71
C GLY A 44 -11.96 -5.64 -2.92
N LEU A 45 -11.30 -4.64 -3.49
CA LEU A 45 -11.23 -3.32 -2.89
C LEU A 45 -12.54 -2.56 -3.10
N GLU A 46 -13.05 -1.96 -2.04
CA GLU A 46 -14.28 -1.18 -2.08
C GLU A 46 -14.03 0.17 -1.43
N TRP A 47 -14.13 1.24 -2.21
CA TRP A 47 -13.93 2.58 -1.69
C TRP A 47 -15.06 2.95 -0.75
N VAL A 48 -14.71 3.30 0.49
CA VAL A 48 -15.70 3.65 1.51
C VAL A 48 -16.06 5.12 1.39
N GLY A 49 -15.07 5.99 1.49
CA GLY A 49 -15.39 7.41 1.51
C GLY A 49 -14.18 8.28 1.33
N ARG A 50 -14.42 9.59 1.27
CA ARG A 50 -13.39 10.58 1.01
C ARG A 50 -13.74 11.89 1.70
N ILE A 51 -12.71 12.61 2.14
CA ILE A 51 -12.86 13.93 2.73
C ILE A 51 -11.79 14.84 2.14
N LYS A 52 -12.17 16.08 1.84
CA LYS A 52 -11.29 17.06 1.23
C LYS A 52 -10.55 17.85 2.31
N SER A 53 -9.69 18.77 1.86
CA SER A 53 -9.04 19.70 2.77
C SER A 53 -9.93 20.92 3.00
N LYS A 54 -9.58 21.68 4.04
CA LYS A 54 -10.37 22.88 4.36
C LYS A 54 -10.25 23.94 3.26
N THR A 55 -9.12 23.96 2.54
CA THR A 55 -8.96 24.91 1.45
C THR A 55 -9.95 24.64 0.33
N ASP A 56 -10.35 23.40 0.14
CA ASP A 56 -11.29 23.02 -0.91
C ASP A 56 -12.69 22.77 -0.38
N GLY A 57 -13.01 23.26 0.82
CA GLY A 57 -14.34 23.18 1.38
C GLY A 57 -14.50 22.17 2.49
N GLY A 58 -13.58 21.22 2.63
CA GLY A 58 -13.70 20.21 3.66
C GLY A 58 -14.89 19.29 3.50
N THR A 59 -15.45 19.23 2.31
CA THR A 59 -16.64 18.42 2.07
C THR A 59 -16.29 16.93 2.14
N THR A 60 -17.34 16.13 2.31
CA THR A 60 -17.19 14.69 2.49
C THR A 60 -18.12 13.95 1.54
N ASP A 61 -17.66 12.81 1.03
CA ASP A 61 -18.44 11.96 0.15
C ASP A 61 -18.32 10.52 0.60
N TYR A 62 -19.39 9.75 0.39
CA TYR A 62 -19.45 8.36 0.81
C TYR A 62 -19.97 7.50 -0.31
N ALA A 63 -19.71 6.19 -0.19
CA ALA A 63 -20.23 5.22 -1.14
C ALA A 63 -21.64 4.79 -0.76
N ALA A 64 -22.37 4.28 -1.75
CA ALA A 64 -23.76 3.90 -1.54
C ALA A 64 -23.97 2.87 -0.43
N PRO A 65 -23.15 1.80 -0.30
CA PRO A 65 -23.39 0.84 0.79
C PRO A 65 -22.96 1.36 2.16
N VAL A 66 -22.83 2.67 2.30
CA VAL A 66 -22.27 3.27 3.50
C VAL A 66 -23.04 4.53 3.86
N LYS A 67 -23.70 5.12 2.86
CA LYS A 67 -24.44 6.36 3.06
C LYS A 67 -25.47 6.22 4.17
N GLY A 68 -25.47 7.18 5.10
CA GLY A 68 -26.39 7.20 6.21
C GLY A 68 -25.94 6.44 7.44
N ARG A 69 -24.79 5.78 7.39
CA ARG A 69 -24.33 5.00 8.53
C ARG A 69 -22.90 5.37 8.93
N PHE A 70 -22.08 5.77 7.96
CA PHE A 70 -20.69 6.11 8.21
C PHE A 70 -20.48 7.61 8.07
N THR A 71 -19.49 8.12 8.79
CA THR A 71 -19.11 9.53 8.74
C THR A 71 -17.60 9.62 8.77
N ILE A 72 -17.05 10.59 8.05
CA ILE A 72 -15.60 10.79 7.95
C ILE A 72 -15.28 12.21 8.41
N SER A 73 -14.41 12.32 9.40
CA SER A 73 -13.98 13.61 9.94
C SER A 73 -12.46 13.65 10.03
N ARG A 74 -11.93 14.84 10.31
CA ARG A 74 -10.49 15.00 10.38
C ARG A 74 -10.14 16.06 11.42
N ASP A 75 -9.05 15.82 12.14
CA ASP A 75 -8.44 16.80 13.03
C ASP A 75 -7.07 17.13 12.44
N ASP A 76 -6.99 18.29 11.78
CA ASP A 76 -5.73 18.69 11.15
C ASP A 76 -4.69 19.09 12.20
N SER A 77 -5.14 19.59 13.35
CA SER A 77 -4.20 19.96 14.40
C SER A 77 -3.50 18.72 14.97
N LYS A 78 -4.18 17.58 14.99
CA LYS A 78 -3.60 16.33 15.47
C LYS A 78 -3.15 15.42 14.34
N ASN A 79 -3.30 15.85 13.09
CA ASN A 79 -2.96 15.04 11.92
C ASN A 79 -3.62 13.67 11.99
N THR A 80 -4.92 13.68 12.24
CA THR A 80 -5.66 12.44 12.48
C THR A 80 -6.92 12.40 11.62
N LEU A 81 -7.22 11.22 11.09
CA LEU A 81 -8.45 11.00 10.32
C LEU A 81 -9.34 10.00 11.06
N TYR A 82 -10.63 10.31 11.12
CA TYR A 82 -11.59 9.51 11.87
C TYR A 82 -12.69 9.00 10.94
N LEU A 83 -13.04 7.72 11.11
CA LEU A 83 -14.18 7.11 10.43
C LEU A 83 -15.11 6.54 11.50
N GLN A 84 -16.24 7.20 11.70
CA GLN A 84 -17.27 6.71 12.61
C GLN A 84 -18.22 5.82 11.84
N MET A 85 -18.54 4.66 12.41
CA MET A 85 -19.37 3.66 11.76
C MET A 85 -20.51 3.28 12.70
N ASN A 86 -21.74 3.59 12.29
CA ASN A 86 -22.93 3.25 13.05
C ASN A 86 -23.79 2.29 12.25
N SER A 87 -24.73 1.65 12.95
CA SER A 87 -25.66 0.69 12.35
C SER A 87 -24.90 -0.37 11.56
N LEU A 88 -23.86 -0.91 12.18
CA LEU A 88 -22.96 -1.83 11.49
C LEU A 88 -23.67 -3.14 11.17
N LYS A 89 -23.28 -3.73 10.04
CA LYS A 89 -23.80 -5.02 9.60
C LYS A 89 -22.67 -5.99 9.37
N THR A 90 -23.03 -7.26 9.19
CA THR A 90 -22.02 -8.29 8.95
C THR A 90 -21.26 -8.05 7.65
N GLU A 91 -21.91 -7.43 6.66
CA GLU A 91 -21.23 -7.11 5.41
C GLU A 91 -20.12 -6.09 5.60
N ASP A 92 -20.16 -5.31 6.68
CA ASP A 92 -19.13 -4.32 6.95
C ASP A 92 -17.85 -4.92 7.50
N THR A 93 -17.86 -6.20 7.86
CA THR A 93 -16.66 -6.87 8.34
C THR A 93 -15.59 -6.86 7.25
N ALA A 94 -14.50 -6.13 7.49
CA ALA A 94 -13.50 -5.94 6.45
C ALA A 94 -12.26 -5.30 7.05
N VAL A 95 -11.19 -5.27 6.26
CA VAL A 95 -10.00 -4.49 6.59
C VAL A 95 -10.17 -3.10 6.00
N TYR A 96 -9.97 -2.07 6.82
CA TYR A 96 -10.14 -0.68 6.43
C TYR A 96 -8.77 -0.01 6.38
N TYR A 97 -8.43 0.53 5.22
CA TYR A 97 -7.20 1.28 5.00
C TYR A 97 -7.51 2.76 4.85
N CYS A 98 -6.63 3.61 5.39
N CYS A 98 -6.66 3.61 5.38
CA CYS A 98 -6.65 5.04 5.15
CA CYS A 98 -6.72 5.03 5.10
C CYS A 98 -5.61 5.36 4.07
C CYS A 98 -5.64 5.37 4.08
N THR A 99 -6.07 5.97 2.97
CA THR A 99 -5.18 6.34 1.88
C THR A 99 -5.18 7.86 1.73
N THR A 100 -4.08 8.37 1.19
CA THR A 100 -4.06 9.76 0.75
C THR A 100 -4.43 9.83 -0.72
N VAL A 101 -4.96 10.98 -1.13
CA VAL A 101 -5.48 11.17 -2.47
C VAL A 101 -4.65 12.25 -3.17
N GLN A 102 -4.06 11.90 -4.30
CA GLN A 102 -3.36 12.83 -5.17
C GLN A 102 -4.13 12.99 -6.47
N THR A 103 -3.80 14.04 -7.21
CA THR A 103 -4.46 14.35 -8.46
C THR A 103 -3.43 14.48 -9.57
N TYR A 104 -3.86 14.20 -10.79
CA TYR A 104 -3.02 14.32 -11.97
C TYR A 104 -3.82 14.92 -13.11
N TYR A 105 -3.14 15.70 -13.96
CA TYR A 105 -3.78 16.33 -15.10
C TYR A 105 -2.75 16.50 -16.21
N ASP A 106 -3.24 16.41 -17.45
CA ASP A 106 -2.38 16.52 -18.62
C ASP A 106 -2.01 17.98 -18.89
N PHE A 107 -0.92 18.16 -19.63
CA PHE A 107 -0.44 19.48 -20.01
C PHE A 107 -0.51 19.72 -21.51
N TRP A 108 -0.04 18.75 -22.31
CA TRP A 108 -0.03 18.91 -23.76
C TRP A 108 -1.36 18.60 -24.42
N SER A 109 -2.20 17.79 -23.76
CA SER A 109 -3.39 17.27 -24.44
C SER A 109 -4.37 18.37 -24.80
N GLY A 110 -4.35 19.50 -24.08
CA GLY A 110 -5.32 20.55 -24.25
C GLY A 110 -6.54 20.42 -23.36
N TYR A 111 -6.86 19.21 -22.93
CA TYR A 111 -7.90 18.96 -21.93
C TYR A 111 -7.25 18.87 -20.56
N TYR A 112 -7.92 19.43 -19.56
CA TYR A 112 -7.35 19.50 -18.22
C TYR A 112 -8.26 18.82 -17.19
N GLN A 113 -8.54 17.55 -17.42
CA GLN A 113 -9.31 16.75 -16.46
C GLN A 113 -8.44 16.41 -15.26
N GLN A 114 -9.08 16.30 -14.09
CA GLN A 114 -8.39 15.89 -12.87
C GLN A 114 -8.68 14.41 -12.60
N HIS A 115 -7.61 13.63 -12.46
CA HIS A 115 -7.71 12.19 -12.24
C HIS A 115 -7.08 11.88 -10.89
N TYR A 116 -7.91 11.54 -9.92
CA TYR A 116 -7.44 11.28 -8.56
C TYR A 116 -7.10 9.81 -8.37
N TYR A 117 -6.10 9.56 -7.53
CA TYR A 117 -5.63 8.21 -7.26
C TYR A 117 -5.14 8.13 -5.83
N PHE A 118 -4.88 6.91 -5.37
CA PHE A 118 -4.48 6.65 -3.99
C PHE A 118 -3.02 6.17 -4.00
N ASP A 119 -2.10 7.08 -3.68
CA ASP A 119 -0.68 6.78 -3.78
C ASP A 119 -0.07 6.24 -2.49
N TYR A 120 -0.57 6.66 -1.33
CA TYR A 120 -0.05 6.17 -0.06
C TYR A 120 -1.17 5.49 0.72
N TRP A 121 -0.91 4.24 1.12
CA TRP A 121 -1.87 3.39 1.82
C TRP A 121 -1.31 2.98 3.17
N GLY A 122 -2.18 2.93 4.18
CA GLY A 122 -1.82 2.34 5.44
C GLY A 122 -1.97 0.83 5.43
N GLN A 123 -1.53 0.20 6.51
CA GLN A 123 -1.59 -1.26 6.60
C GLN A 123 -2.98 -1.78 6.89
N GLY A 124 -3.91 -0.94 7.31
CA GLY A 124 -5.29 -1.35 7.49
C GLY A 124 -5.54 -1.95 8.86
N THR A 125 -6.77 -1.76 9.34
CA THR A 125 -7.22 -2.33 10.59
C THR A 125 -8.48 -3.16 10.34
N LEU A 126 -8.59 -4.30 11.01
CA LEU A 126 -9.64 -5.28 10.72
C LEU A 126 -10.83 -5.06 11.65
N VAL A 127 -11.98 -4.74 11.07
CA VAL A 127 -13.23 -4.62 11.81
C VAL A 127 -14.06 -5.87 11.56
N THR A 128 -14.43 -6.55 12.65
CA THR A 128 -15.25 -7.76 12.60
C THR A 128 -16.59 -7.46 13.24
N VAL A 129 -17.67 -7.62 12.48
CA VAL A 129 -19.02 -7.37 12.95
C VAL A 129 -19.67 -8.73 13.19
N SER A 130 -19.65 -9.17 14.45
CA SER A 130 -20.21 -10.47 14.83
C SER A 130 -20.93 -10.34 16.17
N SER A 131 -21.81 -11.29 16.43
CA SER A 131 -22.51 -11.37 17.70
C SER A 131 -21.78 -12.23 18.72
N ALA A 132 -20.62 -12.78 18.37
CA ALA A 132 -19.82 -13.55 19.31
C ALA A 132 -19.13 -12.61 20.29
N SER A 133 -18.30 -13.17 21.17
CA SER A 133 -17.61 -12.41 22.19
C SER A 133 -16.11 -12.54 22.02
N THR A 134 -15.39 -11.48 22.36
CA THR A 134 -13.94 -11.45 22.24
C THR A 134 -13.29 -12.41 23.23
N LYS A 135 -12.23 -13.07 22.79
CA LYS A 135 -11.46 -13.96 23.65
C LYS A 135 -9.98 -13.75 23.43
N GLY A 136 -9.24 -13.54 24.51
CA GLY A 136 -7.80 -13.39 24.45
C GLY A 136 -7.11 -14.71 24.18
N PRO A 137 -5.85 -14.65 23.74
CA PRO A 137 -5.15 -15.86 23.32
C PRO A 137 -4.36 -16.51 24.46
N SER A 138 -4.12 -17.82 24.30
CA SER A 138 -3.21 -18.57 25.15
C SER A 138 -1.96 -18.87 24.34
N VAL A 139 -0.81 -18.45 24.85
CA VAL A 139 0.47 -18.56 24.15
C VAL A 139 1.28 -19.68 24.77
N PHE A 140 1.72 -20.63 23.94
CA PHE A 140 2.53 -21.75 24.39
C PHE A 140 3.81 -21.83 23.57
N PRO A 141 4.88 -22.36 24.16
CA PRO A 141 6.16 -22.44 23.43
C PRO A 141 6.28 -23.71 22.60
N LEU A 142 6.82 -23.55 21.40
CA LEU A 142 7.19 -24.66 20.52
C LEU A 142 8.71 -24.71 20.56
N ALA A 143 9.24 -25.41 21.56
CA ALA A 143 10.67 -25.45 21.82
C ALA A 143 11.38 -26.43 20.90
N PRO A 144 12.62 -26.13 20.51
CA PRO A 144 13.37 -27.04 19.63
C PRO A 144 14.04 -28.14 20.44
N SER A 145 13.87 -29.39 19.99
CA SER A 145 14.51 -30.52 20.62
C SER A 145 15.83 -30.82 19.92
N SER A 146 16.56 -31.83 20.42
CA SER A 146 17.78 -32.27 19.75
C SER A 146 17.51 -33.17 18.56
N LYS A 147 16.26 -33.59 18.36
CA LYS A 147 15.89 -34.51 17.30
C LYS A 147 15.18 -33.81 16.14
N SER A 148 14.92 -32.51 16.24
CA SER A 148 14.17 -31.78 15.22
C SER A 148 14.93 -30.54 14.74
N THR A 149 16.26 -30.59 14.78
CA THR A 149 17.07 -29.50 14.26
C THR A 149 17.46 -29.75 12.81
N SER A 150 17.80 -28.68 12.11
CA SER A 150 18.21 -28.76 10.71
C SER A 150 19.70 -28.49 10.58
N GLY A 151 20.50 -29.24 11.32
CA GLY A 151 21.94 -29.05 11.32
C GLY A 151 22.37 -27.83 12.12
N GLY A 152 22.90 -26.82 11.41
CA GLY A 152 23.29 -25.60 12.09
C GLY A 152 22.15 -24.72 12.51
N THR A 153 20.96 -24.95 11.97
CA THR A 153 19.79 -24.13 12.29
C THR A 153 18.74 -24.98 13.01
N ALA A 154 17.91 -24.30 13.81
CA ALA A 154 16.83 -24.92 14.55
C ALA A 154 15.63 -23.99 14.55
N ALA A 155 14.45 -24.55 14.33
CA ALA A 155 13.22 -23.77 14.31
C ALA A 155 12.57 -23.81 15.69
N LEU A 156 12.31 -22.63 16.24
CA LEU A 156 11.57 -22.52 17.50
C LEU A 156 10.47 -21.50 17.34
N GLY A 157 9.34 -21.73 18.00
CA GLY A 157 8.22 -20.85 17.79
C GLY A 157 7.25 -20.69 18.94
N CYS A 158 6.11 -20.07 18.64
CA CYS A 158 5.04 -19.88 19.61
C CYS A 158 3.70 -20.23 18.97
N LEU A 159 2.88 -20.95 19.73
CA LEU A 159 1.53 -21.30 19.35
C LEU A 159 0.56 -20.36 20.06
N VAL A 160 -0.22 -19.63 19.27
CA VAL A 160 -1.23 -18.70 19.78
C VAL A 160 -2.59 -19.37 19.56
N LYS A 161 -3.22 -19.81 20.64
CA LYS A 161 -4.35 -20.73 20.57
C LYS A 161 -5.58 -20.11 21.23
N ASP A 162 -6.74 -20.38 20.64
CA ASP A 162 -8.05 -20.08 21.23
C ASP A 162 -8.21 -18.58 21.52
N TYR A 163 -8.25 -17.83 20.42
CA TYR A 163 -8.49 -16.39 20.47
C TYR A 163 -9.54 -16.02 19.43
N PHE A 164 -10.19 -14.88 19.67
CA PHE A 164 -11.21 -14.34 18.78
C PHE A 164 -11.50 -12.90 19.13
N PRO A 165 -11.63 -12.01 18.14
CA PRO A 165 -11.44 -12.32 16.73
C PRO A 165 -10.03 -12.04 16.25
N GLU A 166 -9.86 -11.95 14.94
CA GLU A 166 -8.59 -11.57 14.34
C GLU A 166 -8.41 -10.05 14.44
N PRO A 167 -7.17 -9.55 14.28
CA PRO A 167 -5.91 -10.24 14.02
C PRO A 167 -5.01 -10.42 15.24
N VAL A 168 -3.97 -11.22 15.06
CA VAL A 168 -2.91 -11.42 16.05
C VAL A 168 -1.58 -11.26 15.35
N THR A 169 -0.71 -10.40 15.88
CA THR A 169 0.61 -10.19 15.31
C THR A 169 1.66 -10.79 16.24
N VAL A 170 2.74 -11.30 15.65
CA VAL A 170 3.83 -11.89 16.43
C VAL A 170 5.15 -11.28 15.96
N SER A 171 5.95 -10.83 16.92
CA SER A 171 7.33 -10.44 16.68
C SER A 171 8.23 -11.29 17.57
N TRP A 172 9.54 -11.13 17.38
CA TRP A 172 10.51 -11.91 18.16
C TRP A 172 11.60 -10.99 18.68
N ASN A 173 11.88 -11.10 19.98
CA ASN A 173 12.85 -10.24 20.67
C ASN A 173 12.51 -8.76 20.47
N SER A 174 11.23 -8.44 20.63
CA SER A 174 10.73 -7.07 20.57
C SER A 174 11.04 -6.43 19.22
N GLY A 175 10.96 -7.22 18.15
CA GLY A 175 11.19 -6.74 16.81
C GLY A 175 12.63 -6.73 16.35
N ALA A 176 13.59 -7.02 17.25
CA ALA A 176 14.98 -7.04 16.86
C ALA A 176 15.28 -8.21 15.93
N LEU A 177 15.03 -9.43 16.40
CA LEU A 177 15.28 -10.63 15.61
C LEU A 177 14.26 -10.73 14.48
N THR A 178 14.71 -10.56 13.24
CA THR A 178 13.85 -10.66 12.07
C THR A 178 14.32 -11.68 11.05
N SER A 179 15.56 -12.16 11.15
CA SER A 179 16.09 -13.12 10.18
C SER A 179 15.42 -14.47 10.36
N GLY A 180 14.70 -14.92 9.34
CA GLY A 180 14.09 -16.23 9.36
C GLY A 180 12.85 -16.33 10.23
N VAL A 181 12.01 -15.31 10.22
CA VAL A 181 10.77 -15.29 11.00
C VAL A 181 9.60 -15.42 10.05
N HIS A 182 8.69 -16.36 10.34
CA HIS A 182 7.46 -16.50 9.57
C HIS A 182 6.30 -16.77 10.51
N THR A 183 5.24 -15.97 10.36
CA THR A 183 4.01 -16.13 11.11
C THR A 183 2.95 -16.71 10.18
N PHE A 184 2.47 -17.91 10.50
CA PHE A 184 1.53 -18.60 9.64
C PHE A 184 0.13 -17.98 9.76
N PRO A 185 -0.65 -18.04 8.69
CA PRO A 185 -2.06 -17.61 8.78
C PRO A 185 -2.83 -18.48 9.77
N ALA A 186 -3.79 -17.85 10.44
CA ALA A 186 -4.55 -18.54 11.47
C ALA A 186 -5.50 -19.57 10.83
N VAL A 187 -6.07 -20.41 11.70
CA VAL A 187 -7.03 -21.43 11.29
C VAL A 187 -8.26 -21.29 12.16
N LEU A 188 -9.44 -21.45 11.55
CA LEU A 188 -10.71 -21.34 12.25
C LEU A 188 -11.10 -22.73 12.73
N GLN A 189 -10.93 -22.97 14.03
CA GLN A 189 -11.29 -24.26 14.61
C GLN A 189 -12.81 -24.41 14.66
N SER A 190 -13.26 -25.62 15.04
CA SER A 190 -14.68 -25.90 15.09
C SER A 190 -15.39 -25.13 16.20
N SER A 191 -14.67 -24.68 17.22
CA SER A 191 -15.26 -23.94 18.32
C SER A 191 -15.42 -22.46 18.01
N GLY A 192 -15.17 -22.03 16.78
CA GLY A 192 -15.25 -20.64 16.41
C GLY A 192 -14.04 -19.81 16.77
N LEU A 193 -13.09 -20.36 17.52
CA LEU A 193 -11.90 -19.64 17.92
C LEU A 193 -10.76 -19.87 16.93
N TYR A 194 -9.78 -18.97 16.96
CA TYR A 194 -8.66 -18.99 16.03
C TYR A 194 -7.39 -19.48 16.71
N SER A 195 -6.48 -19.98 15.89
CA SER A 195 -5.17 -20.42 16.35
C SER A 195 -4.16 -20.27 15.22
N LEU A 196 -2.97 -19.80 15.55
CA LEU A 196 -1.89 -19.66 14.59
C LEU A 196 -0.57 -20.03 15.26
N SER A 197 0.49 -20.05 14.47
CA SER A 197 1.83 -20.33 14.96
C SER A 197 2.80 -19.36 14.31
N SER A 198 3.89 -19.07 15.02
CA SER A 198 4.94 -18.20 14.50
C SER A 198 6.29 -18.80 14.82
N VAL A 199 7.08 -19.06 13.78
CA VAL A 199 8.38 -19.71 13.95
C VAL A 199 9.49 -18.73 13.60
N VAL A 200 10.66 -19.00 14.17
CA VAL A 200 11.91 -18.31 13.83
C VAL A 200 13.01 -19.36 13.77
N THR A 201 13.84 -19.26 12.74
CA THR A 201 14.99 -20.13 12.58
C THR A 201 16.22 -19.48 13.21
N VAL A 202 16.86 -20.18 14.12
CA VAL A 202 17.96 -19.61 14.91
C VAL A 202 19.15 -20.54 14.79
N PRO A 203 20.36 -20.04 15.10
CA PRO A 203 21.52 -20.92 15.14
C PRO A 203 21.37 -21.98 16.23
N SER A 204 21.66 -23.23 15.86
CA SER A 204 21.61 -24.32 16.84
C SER A 204 22.65 -24.12 17.94
N SER A 205 23.75 -23.44 17.64
CA SER A 205 24.79 -23.14 18.61
C SER A 205 24.50 -21.88 19.40
N SER A 206 23.22 -21.49 19.45
CA SER A 206 22.80 -20.29 20.13
C SER A 206 21.51 -20.51 20.88
N LEU A 207 21.34 -21.71 21.43
CA LEU A 207 20.14 -22.07 22.18
C LEU A 207 20.34 -21.99 23.69
N GLY A 208 21.53 -22.30 24.19
CA GLY A 208 21.77 -22.22 25.63
C GLY A 208 22.14 -20.83 26.10
N THR A 209 22.70 -20.01 25.21
CA THR A 209 23.12 -18.66 25.56
C THR A 209 22.03 -17.63 25.26
N GLN A 210 21.62 -17.55 24.00
CA GLN A 210 20.63 -16.56 23.59
C GLN A 210 19.25 -16.91 24.12
N THR A 211 18.52 -15.90 24.56
CA THR A 211 17.15 -16.05 25.03
C THR A 211 16.21 -15.51 23.97
N TYR A 212 15.19 -16.30 23.63
CA TYR A 212 14.24 -15.94 22.58
C TYR A 212 12.87 -15.73 23.19
N ILE A 213 12.22 -14.64 22.80
CA ILE A 213 10.93 -14.23 23.34
C ILE A 213 10.02 -13.86 22.18
N CYS A 214 8.82 -14.46 22.16
CA CYS A 214 7.81 -14.13 21.16
C CYS A 214 6.84 -13.13 21.77
N ASN A 215 6.58 -12.05 21.02
CA ASN A 215 5.67 -10.98 21.43
C ASN A 215 4.40 -11.12 20.61
N VAL A 216 3.32 -11.55 21.28
CA VAL A 216 2.01 -11.73 20.66
C VAL A 216 1.15 -10.53 21.02
N ASN A 217 0.60 -9.88 20.01
CA ASN A 217 -0.23 -8.69 20.17
C ASN A 217 -1.61 -8.99 19.62
N HIS A 218 -2.63 -8.88 20.49
CA HIS A 218 -4.02 -9.09 20.13
C HIS A 218 -4.77 -7.83 20.55
N LYS A 219 -4.94 -6.91 19.60
CA LYS A 219 -5.62 -5.63 19.83
C LYS A 219 -7.10 -5.77 20.18
N PRO A 220 -7.88 -6.64 19.50
CA PRO A 220 -9.31 -6.73 19.84
C PRO A 220 -9.58 -7.11 21.28
N SER A 221 -8.58 -7.50 22.06
CA SER A 221 -8.73 -7.74 23.48
C SER A 221 -7.76 -6.93 24.32
N ASN A 222 -6.99 -6.03 23.69
CA ASN A 222 -5.99 -5.21 24.37
C ASN A 222 -5.03 -6.09 25.18
N THR A 223 -4.49 -7.10 24.51
CA THR A 223 -3.64 -8.10 25.17
C THR A 223 -2.29 -8.16 24.49
N LYS A 224 -1.23 -8.24 25.29
CA LYS A 224 0.13 -8.44 24.80
C LYS A 224 0.82 -9.45 25.69
N VAL A 225 1.31 -10.54 25.08
CA VAL A 225 1.95 -11.63 25.79
C VAL A 225 3.39 -11.74 25.30
N ASP A 226 4.32 -11.82 26.25
CA ASP A 226 5.75 -11.97 25.94
C ASP A 226 6.19 -13.31 26.49
N LYS A 227 6.17 -14.33 25.63
CA LYS A 227 6.44 -15.70 26.04
C LYS A 227 7.89 -16.05 25.74
N ARG A 228 8.63 -16.47 26.76
CA ARG A 228 10.05 -16.81 26.61
C ARG A 228 10.16 -18.28 26.25
N VAL A 229 10.61 -18.56 25.03
CA VAL A 229 10.77 -19.94 24.58
C VAL A 229 12.12 -20.45 25.07
N GLU A 230 12.08 -21.46 25.93
CA GLU A 230 13.24 -22.07 26.57
C GLU A 230 13.62 -23.35 25.84
N PRO A 231 14.91 -23.69 25.81
CA PRO A 231 15.33 -24.94 25.17
C PRO A 231 15.18 -26.14 26.09
N LYS A 232 14.97 -27.29 25.46
CA LYS A 232 14.81 -28.54 26.21
C LYS A 232 15.77 -29.62 25.69
N GLU B 1 -19.37 0.73 -14.13
CA GLU B 1 -18.50 -0.15 -13.38
C GLU B 1 -17.31 -0.60 -14.22
N LEU B 2 -16.28 -1.12 -13.57
CA LEU B 2 -15.07 -1.58 -14.23
C LEU B 2 -15.02 -3.10 -14.21
N THR B 3 -14.52 -3.67 -15.31
CA THR B 3 -14.51 -5.11 -15.51
C THR B 3 -13.09 -5.59 -15.76
N GLN B 4 -12.67 -6.64 -15.02
CA GLN B 4 -11.38 -7.27 -15.20
C GLN B 4 -11.56 -8.78 -15.32
N ASP B 5 -10.57 -9.43 -15.91
CA ASP B 5 -10.53 -10.88 -15.89
C ASP B 5 -10.19 -11.35 -14.48
N PRO B 6 -10.92 -12.31 -13.92
CA PRO B 6 -10.62 -12.74 -12.54
C PRO B 6 -9.24 -13.34 -12.37
N ALA B 7 -8.81 -14.20 -13.30
CA ALA B 7 -7.53 -14.86 -13.20
C ALA B 7 -6.81 -14.82 -14.55
N VAL B 8 -5.49 -14.64 -14.50
CA VAL B 8 -4.65 -14.55 -15.70
C VAL B 8 -3.33 -15.23 -15.41
N SER B 9 -2.88 -16.07 -16.34
CA SER B 9 -1.62 -16.79 -16.21
C SER B 9 -0.57 -16.20 -17.14
N VAL B 10 0.70 -16.31 -16.72
CA VAL B 10 1.82 -15.84 -17.52
C VAL B 10 3.04 -16.68 -17.16
N ALA B 11 3.88 -16.95 -18.17
CA ALA B 11 5.11 -17.69 -17.95
C ALA B 11 6.17 -16.78 -17.34
N LEU B 12 7.05 -17.38 -16.56
CA LEU B 12 8.12 -16.62 -15.91
C LEU B 12 9.04 -16.00 -16.95
N GLY B 13 9.18 -14.68 -16.89
CA GLY B 13 10.01 -13.96 -17.83
C GLY B 13 9.28 -13.39 -19.03
N GLN B 14 8.04 -13.82 -19.28
CA GLN B 14 7.27 -13.36 -20.42
C GLN B 14 6.53 -12.05 -20.07
N THR B 15 5.83 -11.50 -21.05
CA THR B 15 5.10 -10.25 -20.91
C THR B 15 3.61 -10.54 -20.80
N VAL B 16 2.96 -9.95 -19.80
CA VAL B 16 1.54 -10.15 -19.56
C VAL B 16 0.83 -8.81 -19.76
N ARG B 17 -0.46 -8.90 -20.09
CA ARG B 17 -1.30 -7.72 -20.36
C ARG B 17 -2.63 -7.92 -19.65
N ILE B 18 -2.77 -7.35 -18.46
CA ILE B 18 -4.02 -7.35 -17.72
C ILE B 18 -4.79 -6.09 -18.06
N THR B 19 -6.08 -6.25 -18.40
CA THR B 19 -6.87 -5.16 -18.96
C THR B 19 -8.05 -4.81 -18.07
N CYS B 20 -8.49 -3.56 -18.16
N CYS B 20 -8.47 -3.56 -18.14
CA CYS B 20 -9.62 -3.04 -17.41
CA CYS B 20 -9.62 -3.04 -17.42
C CYS B 20 -10.60 -2.43 -18.40
C CYS B 20 -10.59 -2.45 -18.42
N GLN B 21 -11.87 -2.83 -18.32
CA GLN B 21 -12.89 -2.40 -19.27
C GLN B 21 -13.97 -1.60 -18.56
N GLY B 22 -14.35 -0.48 -19.16
CA GLY B 22 -15.39 0.39 -18.63
C GLY B 22 -15.63 1.58 -19.52
N ASP B 23 -16.88 2.04 -19.60
CA ASP B 23 -17.21 3.16 -20.48
C ASP B 23 -16.47 4.43 -20.06
N SER B 24 -16.36 4.66 -18.75
CA SER B 24 -15.75 5.89 -18.26
C SER B 24 -14.29 6.00 -18.67
N LEU B 25 -13.62 4.88 -18.89
CA LEU B 25 -12.24 4.90 -19.37
C LEU B 25 -12.09 5.56 -20.72
N ARG B 26 -13.19 5.85 -21.41
CA ARG B 26 -13.13 6.62 -22.65
C ARG B 26 -12.71 8.08 -22.39
N SER B 27 -12.91 8.59 -21.17
CA SER B 27 -12.57 9.98 -20.90
C SER B 27 -11.82 10.18 -19.59
N TYR B 28 -11.31 9.11 -18.98
CA TYR B 28 -10.56 9.23 -17.74
C TYR B 28 -9.47 8.16 -17.70
N TYR B 29 -8.27 8.56 -17.27
CA TYR B 29 -7.22 7.59 -17.06
C TYR B 29 -7.55 6.69 -15.89
N ALA B 30 -6.90 5.52 -15.87
CA ALA B 30 -7.09 4.55 -14.80
C ALA B 30 -5.82 4.44 -13.97
N SER B 31 -6.01 4.14 -12.68
CA SER B 31 -4.92 3.88 -11.76
C SER B 31 -4.87 2.40 -11.42
N TRP B 32 -3.67 1.87 -11.32
CA TRP B 32 -3.45 0.44 -11.09
C TRP B 32 -2.76 0.22 -9.75
N TYR B 33 -3.17 -0.85 -9.07
CA TYR B 33 -2.68 -1.13 -7.72
C TYR B 33 -2.33 -2.59 -7.59
N GLN B 34 -1.21 -2.87 -6.94
CA GLN B 34 -0.73 -4.24 -6.70
C GLN B 34 -0.94 -4.59 -5.24
N GLN B 35 -1.48 -5.78 -4.99
CA GLN B 35 -1.70 -6.26 -3.63
C GLN B 35 -1.15 -7.68 -3.52
N LYS B 36 -0.01 -7.83 -2.85
CA LYS B 36 0.56 -9.11 -2.56
C LYS B 36 -0.17 -9.77 -1.39
N PRO B 37 -0.18 -11.14 -1.33
CA PRO B 37 -1.14 -11.87 -0.47
C PRO B 37 -1.61 -11.18 0.81
N GLY B 38 -0.73 -11.08 1.81
CA GLY B 38 -1.09 -10.51 3.09
C GLY B 38 -0.79 -9.04 3.27
N GLN B 39 -0.32 -8.35 2.24
CA GLN B 39 0.09 -6.96 2.36
C GLN B 39 -1.07 -6.03 1.95
N ALA B 40 -0.78 -4.73 1.95
CA ALA B 40 -1.69 -3.67 1.56
C ALA B 40 -1.46 -3.26 0.10
N PRO B 41 -2.49 -2.76 -0.57
CA PRO B 41 -2.31 -2.35 -1.97
C PRO B 41 -1.29 -1.23 -2.11
N VAL B 42 -0.53 -1.26 -3.20
CA VAL B 42 0.44 -0.23 -3.52
C VAL B 42 0.16 0.30 -4.91
N LEU B 43 0.36 1.59 -5.11
CA LEU B 43 0.17 2.21 -6.42
C LEU B 43 1.34 1.87 -7.32
N VAL B 44 1.05 1.47 -8.56
CA VAL B 44 2.10 1.08 -9.50
C VAL B 44 2.05 1.95 -10.75
N ILE B 45 0.84 2.37 -11.15
CA ILE B 45 0.66 3.14 -12.37
C ILE B 45 -0.46 4.15 -12.14
N TYR B 46 -0.19 5.43 -12.44
CA TYR B 46 -1.21 6.46 -12.39
C TYR B 46 -1.08 7.33 -13.63
N GLY B 47 -2.19 7.95 -14.03
CA GLY B 47 -2.18 8.82 -15.19
C GLY B 47 -2.05 8.03 -16.49
N LYS B 48 -1.44 8.66 -17.48
CA LYS B 48 -1.22 8.01 -18.77
C LYS B 48 -0.29 6.81 -18.62
N ASN B 49 0.93 7.06 -18.15
CA ASN B 49 1.91 5.99 -17.91
C ASN B 49 2.98 6.48 -16.96
N ASN B 50 2.62 6.74 -15.71
CA ASN B 50 3.54 7.28 -14.72
C ASN B 50 3.72 6.27 -13.58
N ARG B 51 4.94 6.21 -13.05
CA ARG B 51 5.29 5.31 -11.96
C ARG B 51 5.75 6.10 -10.75
N PRO B 52 5.34 5.71 -9.55
CA PRO B 52 5.76 6.43 -8.35
C PRO B 52 7.08 5.91 -7.79
N SER B 53 7.60 6.67 -6.81
CA SER B 53 8.81 6.37 -6.03
C SER B 53 9.74 5.35 -6.68
N GLY B 54 9.73 4.12 -6.18
CA GLY B 54 10.58 3.08 -6.70
C GLY B 54 9.82 1.87 -7.20
N ILE B 55 9.10 2.03 -8.28
CA ILE B 55 8.35 0.96 -8.93
C ILE B 55 9.10 0.53 -10.18
N PRO B 56 9.34 -0.76 -10.40
CA PRO B 56 10.17 -1.18 -11.53
C PRO B 56 9.61 -0.71 -12.86
N ASP B 57 10.51 -0.40 -13.79
CA ASP B 57 10.11 0.05 -15.12
C ASP B 57 9.47 -1.06 -15.94
N ARG B 58 9.35 -2.28 -15.40
CA ARG B 58 8.63 -3.33 -16.10
C ARG B 58 7.13 -3.05 -16.15
N PHE B 59 6.62 -2.21 -15.25
CA PHE B 59 5.20 -1.88 -15.22
C PHE B 59 4.93 -0.66 -16.10
N SER B 60 4.00 -0.82 -17.04
CA SER B 60 3.61 0.26 -17.93
C SER B 60 2.11 0.23 -18.12
N GLY B 61 1.53 1.42 -18.36
CA GLY B 61 0.10 1.57 -18.52
C GLY B 61 -0.25 2.16 -19.86
N SER B 62 -1.40 1.75 -20.39
CA SER B 62 -1.87 2.21 -21.69
C SER B 62 -3.38 2.23 -21.70
N SER B 63 -3.94 3.07 -22.58
CA SER B 63 -5.38 3.23 -22.72
C SER B 63 -5.73 3.30 -24.19
N SER B 64 -6.74 2.53 -24.60
CA SER B 64 -7.17 2.47 -26.00
C SER B 64 -8.70 2.38 -26.02
N GLY B 65 -9.35 3.53 -26.21
CA GLY B 65 -10.80 3.56 -26.25
C GLY B 65 -11.42 3.41 -24.87
N ASN B 66 -12.18 2.34 -24.67
CA ASN B 66 -12.85 2.08 -23.41
C ASN B 66 -12.10 1.05 -22.56
N THR B 67 -10.84 0.76 -22.89
CA THR B 67 -10.07 -0.21 -22.14
C THR B 67 -8.78 0.42 -21.63
N ALA B 68 -8.26 -0.11 -20.52
CA ALA B 68 -7.00 0.31 -19.94
C ALA B 68 -6.22 -0.93 -19.56
N SER B 69 -4.94 -0.98 -19.93
CA SER B 69 -4.13 -2.18 -19.78
C SER B 69 -2.87 -1.89 -18.99
N LEU B 70 -2.66 -2.64 -17.93
CA LEU B 70 -1.39 -2.64 -17.20
C LEU B 70 -0.50 -3.72 -17.82
N THR B 71 0.68 -3.33 -18.28
CA THR B 71 1.56 -4.23 -19.01
C THR B 71 2.81 -4.51 -18.18
N ILE B 72 2.99 -5.77 -17.80
CA ILE B 72 4.17 -6.22 -17.06
C ILE B 72 5.06 -6.98 -18.03
N THR B 73 6.19 -6.39 -18.38
CA THR B 73 7.16 -7.03 -19.27
C THR B 73 8.25 -7.68 -18.41
N GLY B 74 8.56 -8.94 -18.73
CA GLY B 74 9.51 -9.69 -17.94
C GLY B 74 8.96 -10.04 -16.57
N ALA B 75 8.03 -10.97 -16.52
CA ALA B 75 7.37 -11.33 -15.26
C ALA B 75 8.34 -12.03 -14.32
N GLN B 76 8.15 -11.79 -13.03
CA GLN B 76 8.95 -12.40 -11.98
C GLN B 76 8.04 -13.01 -10.93
N ALA B 77 8.64 -13.72 -9.97
CA ALA B 77 7.86 -14.39 -8.95
C ALA B 77 7.18 -13.41 -8.01
N GLU B 78 7.77 -12.22 -7.82
CA GLU B 78 7.19 -11.24 -6.92
C GLU B 78 5.97 -10.54 -7.51
N ASP B 79 5.72 -10.70 -8.81
CA ASP B 79 4.53 -10.14 -9.43
C ASP B 79 3.28 -10.99 -9.20
N GLU B 80 3.45 -12.21 -8.72
CA GLU B 80 2.32 -13.09 -8.44
C GLU B 80 1.44 -12.49 -7.34
N ALA B 81 0.49 -11.65 -7.72
CA ALA B 81 -0.33 -10.93 -6.75
C ALA B 81 -1.63 -10.52 -7.42
N ASP B 82 -2.44 -9.77 -6.68
CA ASP B 82 -3.72 -9.26 -7.17
C ASP B 82 -3.55 -7.81 -7.63
N TYR B 83 -4.16 -7.48 -8.77
CA TYR B 83 -4.06 -6.16 -9.37
C TYR B 83 -5.46 -5.59 -9.56
N TYR B 84 -5.63 -4.33 -9.16
CA TYR B 84 -6.92 -3.67 -9.19
C TYR B 84 -6.83 -2.39 -10.02
N CYS B 85 -7.84 -2.14 -10.85
N CYS B 85 -7.90 -2.12 -10.76
CA CYS B 85 -7.94 -0.89 -11.57
CA CYS B 85 -8.04 -0.94 -11.61
C CYS B 85 -8.94 0.02 -10.89
C CYS B 85 -9.05 0.02 -11.01
N ASN B 86 -8.78 1.32 -11.12
CA ASN B 86 -9.63 2.33 -10.49
C ASN B 86 -9.81 3.50 -11.44
N SER B 87 -11.04 4.03 -11.48
CA SER B 87 -11.37 5.20 -12.28
C SER B 87 -12.72 5.73 -11.79
N ARG B 88 -13.08 6.90 -12.31
CA ARG B 88 -14.33 7.56 -11.95
C ARG B 88 -15.49 6.91 -12.71
N ASP B 89 -16.41 6.29 -11.98
CA ASP B 89 -17.50 5.56 -12.61
C ASP B 89 -18.54 6.52 -13.17
N SER B 90 -18.84 6.37 -14.46
CA SER B 90 -19.94 7.06 -15.15
C SER B 90 -20.05 8.52 -14.75
N SER B 91 -20.72 8.79 -13.62
CA SER B 91 -20.90 10.16 -13.15
C SER B 91 -21.19 10.17 -11.65
N GLY B 92 -22.47 10.20 -11.29
CA GLY B 92 -22.86 10.34 -9.90
C GLY B 92 -23.27 9.04 -9.21
N ASN B 93 -22.83 7.90 -9.75
CA ASN B 93 -23.08 6.63 -9.08
C ASN B 93 -22.40 6.62 -7.71
N HIS B 94 -21.07 6.66 -7.70
CA HIS B 94 -20.30 6.86 -6.49
C HIS B 94 -19.35 8.02 -6.70
N LEU B 95 -18.07 7.72 -6.84
CA LEU B 95 -17.06 8.68 -7.27
C LEU B 95 -15.82 7.92 -7.73
N TRP B 96 -15.43 6.91 -6.96
CA TRP B 96 -14.31 6.05 -7.31
C TRP B 96 -14.73 4.60 -7.15
N VAL B 97 -14.56 3.82 -8.21
CA VAL B 97 -14.91 2.41 -8.22
C VAL B 97 -13.66 1.61 -8.55
N PHE B 98 -13.52 0.45 -7.89
CA PHE B 98 -12.44 -0.48 -8.18
C PHE B 98 -12.96 -1.64 -9.02
N GLY B 99 -12.10 -2.15 -9.89
CA GLY B 99 -12.43 -3.36 -10.61
C GLY B 99 -12.46 -4.57 -9.68
N GLY B 100 -13.06 -5.65 -10.19
CA GLY B 100 -13.11 -6.89 -9.42
C GLY B 100 -11.76 -7.47 -9.08
N GLY B 101 -10.71 -7.03 -9.75
CA GLY B 101 -9.37 -7.52 -9.48
C GLY B 101 -8.98 -8.70 -10.34
N THR B 102 -7.71 -8.74 -10.73
CA THR B 102 -7.16 -9.84 -11.52
C THR B 102 -6.06 -10.52 -10.72
N LYS B 103 -6.18 -11.83 -10.55
CA LYS B 103 -5.21 -12.62 -9.80
C LYS B 103 -4.16 -13.14 -10.77
N LEU B 104 -2.97 -12.55 -10.73
CA LEU B 104 -1.89 -12.92 -11.63
C LEU B 104 -1.13 -14.13 -11.09
N THR B 105 -0.97 -15.14 -11.94
CA THR B 105 -0.22 -16.34 -11.60
C THR B 105 0.99 -16.46 -12.53
N VAL B 106 2.18 -16.47 -11.94
CA VAL B 106 3.42 -16.68 -12.68
C VAL B 106 3.76 -18.16 -12.59
N LEU B 107 3.73 -18.85 -13.73
CA LEU B 107 3.77 -20.31 -13.77
C LEU B 107 5.13 -20.90 -13.44
N GLY B 108 5.99 -21.02 -14.45
CA GLY B 108 7.22 -21.79 -14.31
C GLY B 108 8.30 -21.19 -13.44
N GLN B 109 8.17 -21.31 -12.12
CA GLN B 109 9.20 -20.92 -11.18
C GLN B 109 9.84 -22.16 -10.55
N PRO B 110 11.01 -22.02 -9.93
CA PRO B 110 11.66 -23.18 -9.33
C PRO B 110 10.78 -23.87 -8.29
N LYS B 111 10.59 -25.17 -8.46
CA LYS B 111 9.84 -25.96 -7.50
C LYS B 111 10.73 -26.27 -6.30
N ALA B 112 10.08 -26.48 -5.16
CA ALA B 112 10.80 -26.74 -3.91
C ALA B 112 10.02 -27.73 -3.06
N ALA B 113 10.74 -28.67 -2.45
CA ALA B 113 10.14 -29.64 -1.56
C ALA B 113 9.84 -28.99 -0.21
N PRO B 114 8.77 -29.41 0.47
CA PRO B 114 8.40 -28.78 1.73
C PRO B 114 9.27 -29.25 2.89
N SER B 115 9.64 -28.28 3.74
CA SER B 115 10.32 -28.58 5.00
C SER B 115 9.28 -28.68 6.10
N VAL B 116 9.27 -29.80 6.81
CA VAL B 116 8.23 -30.13 7.78
C VAL B 116 8.84 -30.14 9.17
N THR B 117 8.28 -29.32 10.06
CA THR B 117 8.63 -29.31 11.47
C THR B 117 7.39 -29.66 12.28
N LEU B 118 7.50 -30.68 13.12
CA LEU B 118 6.39 -31.18 13.91
C LEU B 118 6.71 -31.00 15.39
N PHE B 119 5.92 -30.18 16.09
CA PHE B 119 6.12 -29.93 17.51
C PHE B 119 5.12 -30.73 18.34
N PRO B 120 5.58 -31.45 19.35
CA PRO B 120 4.66 -32.11 20.28
C PRO B 120 4.05 -31.11 21.24
N PRO B 121 3.05 -31.51 22.01
CA PRO B 121 2.47 -30.57 23.00
C PRO B 121 3.51 -30.16 24.04
N SER B 122 3.55 -28.86 24.32
CA SER B 122 4.48 -28.35 25.31
C SER B 122 4.12 -28.81 26.71
N SER B 123 5.08 -28.72 27.62
CA SER B 123 4.82 -29.06 29.01
C SER B 123 3.75 -28.17 29.60
N GLU B 124 3.81 -26.86 29.31
CA GLU B 124 2.83 -25.92 29.86
C GLU B 124 1.42 -26.24 29.38
N GLU B 125 1.28 -26.60 28.10
CA GLU B 125 -0.04 -26.94 27.58
C GLU B 125 -0.57 -28.23 28.20
N LEU B 126 0.33 -29.14 28.60
CA LEU B 126 -0.10 -30.39 29.21
C LEU B 126 -0.40 -30.23 30.69
N GLN B 127 0.21 -29.24 31.36
CA GLN B 127 -0.18 -28.95 32.74
C GLN B 127 -1.62 -28.43 32.79
N ALA B 128 -2.05 -27.73 31.75
CA ALA B 128 -3.46 -27.54 31.49
C ALA B 128 -4.03 -28.77 30.78
N ASN B 129 -5.35 -28.90 30.80
CA ASN B 129 -5.98 -30.11 30.28
C ASN B 129 -6.12 -30.05 28.77
N LYS B 130 -5.03 -29.77 28.07
CA LYS B 130 -5.04 -29.65 26.61
C LYS B 130 -3.76 -30.24 26.04
N ALA B 131 -3.78 -30.43 24.72
CA ALA B 131 -2.64 -30.97 23.99
C ALA B 131 -2.86 -30.74 22.49
N THR B 132 -1.89 -30.14 21.83
CA THR B 132 -2.04 -29.80 20.42
C THR B 132 -0.75 -30.13 19.68
N LEU B 133 -0.86 -30.90 18.60
CA LEU B 133 0.26 -31.19 17.72
C LEU B 133 0.29 -30.17 16.60
N VAL B 134 1.44 -29.52 16.42
CA VAL B 134 1.60 -28.45 15.43
C VAL B 134 2.54 -28.94 14.35
N CYS B 135 2.02 -29.03 13.12
CA CYS B 135 2.81 -29.40 11.94
C CYS B 135 2.95 -28.17 11.07
N LEU B 136 4.19 -27.70 10.90
CA LEU B 136 4.47 -26.46 10.18
C LEU B 136 5.23 -26.77 8.90
N ILE B 137 4.72 -26.27 7.78
CA ILE B 137 5.20 -26.58 6.45
C ILE B 137 5.67 -25.29 5.80
N SER B 138 6.88 -25.29 5.25
CA SER B 138 7.47 -24.07 4.71
C SER B 138 8.37 -24.39 3.53
N ASP B 139 8.61 -23.36 2.72
CA ASP B 139 9.61 -23.38 1.64
C ASP B 139 9.30 -24.46 0.60
N PHE B 140 8.09 -24.40 0.06
CA PHE B 140 7.69 -25.32 -1.00
C PHE B 140 6.97 -24.56 -2.11
N TYR B 141 7.10 -25.09 -3.33
CA TYR B 141 6.40 -24.60 -4.51
C TYR B 141 6.14 -25.81 -5.39
N PRO B 142 4.95 -25.91 -6.01
CA PRO B 142 3.82 -24.97 -5.94
C PRO B 142 3.06 -25.03 -4.63
N GLY B 143 2.17 -24.06 -4.41
CA GLY B 143 1.39 -24.00 -3.19
C GLY B 143 0.25 -25.00 -3.17
N ALA B 144 0.57 -26.28 -3.30
CA ALA B 144 -0.41 -27.35 -3.24
C ALA B 144 0.16 -28.46 -2.36
N VAL B 145 -0.55 -28.79 -1.28
CA VAL B 145 -0.04 -29.72 -0.28
C VAL B 145 -1.22 -30.42 0.37
N THR B 146 -1.06 -31.72 0.62
CA THR B 146 -2.06 -32.54 1.29
C THR B 146 -1.46 -33.06 2.59
N VAL B 147 -2.16 -32.83 3.70
CA VAL B 147 -1.69 -33.21 5.03
C VAL B 147 -2.55 -34.35 5.55
N ALA B 148 -1.91 -35.37 6.12
CA ALA B 148 -2.60 -36.50 6.71
C ALA B 148 -1.95 -36.84 8.04
N TRP B 149 -2.76 -37.01 9.08
CA TRP B 149 -2.28 -37.32 10.42
C TRP B 149 -2.46 -38.80 10.71
N LYS B 150 -1.56 -39.33 11.54
CA LYS B 150 -1.54 -40.75 11.86
C LYS B 150 -1.26 -40.94 13.34
N ALA B 151 -2.11 -41.73 14.00
CA ALA B 151 -1.87 -42.18 15.37
C ALA B 151 -1.33 -43.61 15.30
N ASP B 152 -0.12 -43.80 15.84
CA ASP B 152 0.60 -45.06 15.66
C ASP B 152 0.77 -45.39 14.19
N SER B 153 -0.21 -46.09 13.62
CA SER B 153 -0.17 -46.43 12.20
C SER B 153 -1.55 -46.34 11.54
N SER B 154 -2.50 -45.65 12.16
CA SER B 154 -3.85 -45.53 11.62
C SER B 154 -4.19 -44.06 11.37
N PRO B 155 -4.92 -43.77 10.31
CA PRO B 155 -5.26 -42.37 10.00
C PRO B 155 -6.14 -41.74 11.07
N VAL B 156 -6.12 -40.41 11.11
CA VAL B 156 -6.89 -39.64 12.07
C VAL B 156 -7.50 -38.45 11.34
N LYS B 157 -8.84 -38.35 11.35
CA LYS B 157 -9.56 -37.23 10.77
C LYS B 157 -10.09 -36.27 11.83
N ALA B 158 -10.55 -36.79 12.96
CA ALA B 158 -11.12 -35.94 14.01
C ALA B 158 -10.03 -35.13 14.69
N GLY B 159 -10.23 -33.82 14.77
CA GLY B 159 -9.30 -32.92 15.43
C GLY B 159 -8.32 -32.24 14.52
N VAL B 160 -8.39 -32.45 13.21
CA VAL B 160 -7.44 -31.90 12.26
C VAL B 160 -7.99 -30.57 11.72
N GLU B 161 -7.18 -29.53 11.81
CA GLU B 161 -7.48 -28.23 11.23
C GLU B 161 -6.27 -27.77 10.44
N THR B 162 -6.41 -27.68 9.12
CA THR B 162 -5.31 -27.38 8.22
C THR B 162 -5.58 -26.08 7.48
N THR B 163 -4.59 -25.20 7.45
CA THR B 163 -4.73 -23.92 6.76
C THR B 163 -4.46 -24.09 5.26
N THR B 164 -5.07 -23.21 4.47
CA THR B 164 -4.74 -23.17 3.06
C THR B 164 -3.33 -22.62 2.87
N PRO B 165 -2.57 -23.16 1.92
CA PRO B 165 -1.20 -22.68 1.71
C PRO B 165 -1.18 -21.20 1.36
N SER B 166 -0.14 -20.51 1.85
CA SER B 166 -0.02 -19.07 1.70
C SER B 166 1.40 -18.71 1.28
N LYS B 167 1.51 -17.65 0.49
CA LYS B 167 2.79 -17.21 -0.04
C LYS B 167 3.55 -16.40 1.02
N GLN B 168 4.83 -16.68 1.15
CA GLN B 168 5.66 -16.02 2.15
C GLN B 168 6.57 -14.99 1.46
N SER B 169 7.62 -14.56 2.17
CA SER B 169 8.41 -13.42 1.72
C SER B 169 9.21 -13.75 0.46
N ASN B 170 9.85 -14.91 0.42
CA ASN B 170 10.67 -15.31 -0.72
C ASN B 170 9.87 -16.03 -1.80
N ASN B 171 8.58 -15.70 -1.94
CA ASN B 171 7.75 -16.22 -3.02
C ASN B 171 7.48 -17.72 -2.85
N LYS B 172 8.12 -18.34 -1.86
CA LYS B 172 7.77 -19.70 -1.51
C LYS B 172 6.41 -19.72 -0.82
N TYR B 173 5.92 -20.92 -0.51
CA TYR B 173 4.62 -21.08 0.11
C TYR B 173 4.76 -21.83 1.43
N ALA B 174 3.81 -21.58 2.33
CA ALA B 174 3.81 -22.19 3.65
C ALA B 174 2.39 -22.57 4.02
N ALA B 175 2.28 -23.55 4.91
CA ALA B 175 0.99 -24.01 5.40
C ALA B 175 1.19 -24.64 6.78
N SER B 176 0.09 -24.85 7.48
CA SER B 176 0.13 -25.38 8.83
C SER B 176 -1.07 -26.30 9.06
N SER B 177 -0.85 -27.33 9.87
CA SER B 177 -1.89 -28.27 10.25
C SER B 177 -1.81 -28.53 11.75
N TYR B 178 -2.96 -28.55 12.41
CA TYR B 178 -3.05 -28.72 13.85
C TYR B 178 -3.89 -29.95 14.17
N LEU B 179 -3.46 -30.72 15.17
CA LEU B 179 -4.20 -31.88 15.65
C LEU B 179 -4.46 -31.69 17.15
N SER B 180 -5.70 -31.40 17.50
CA SER B 180 -6.09 -31.19 18.89
C SER B 180 -6.61 -32.49 19.48
N LEU B 181 -6.08 -32.86 20.65
CA LEU B 181 -6.50 -34.06 21.34
C LEU B 181 -6.34 -33.86 22.85
N THR B 182 -6.86 -34.81 23.60
CA THR B 182 -6.74 -34.76 25.05
C THR B 182 -5.39 -35.33 25.49
N PRO B 183 -4.84 -34.86 26.61
CA PRO B 183 -3.59 -35.44 27.12
C PRO B 183 -3.71 -36.93 27.43
N GLU B 184 -4.93 -37.44 27.67
CA GLU B 184 -5.11 -38.88 27.85
C GLU B 184 -4.99 -39.62 26.52
N GLN B 185 -5.40 -38.99 25.42
CA GLN B 185 -5.17 -39.58 24.10
C GLN B 185 -3.71 -39.47 23.69
N TRP B 186 -3.05 -38.37 24.07
CA TRP B 186 -1.65 -38.17 23.71
C TRP B 186 -0.75 -39.21 24.36
N LYS B 187 -0.97 -39.50 25.64
CA LYS B 187 -0.19 -40.52 26.33
C LYS B 187 -0.68 -41.93 26.04
N SER B 188 -1.77 -42.07 25.27
CA SER B 188 -2.32 -43.40 24.99
C SER B 188 -1.50 -44.11 23.92
N HIS B 189 -1.30 -43.48 22.77
CA HIS B 189 -0.62 -44.11 21.65
C HIS B 189 0.90 -44.01 21.82
N ARG B 190 1.61 -44.75 20.97
CA ARG B 190 3.06 -44.79 21.03
C ARG B 190 3.73 -43.69 20.22
N SER B 191 3.05 -43.19 19.18
CA SER B 191 3.63 -42.14 18.35
C SER B 191 2.51 -41.45 17.57
N TYR B 192 2.82 -40.26 17.06
CA TYR B 192 1.96 -39.51 16.17
C TYR B 192 2.80 -38.97 15.02
N SER B 193 2.19 -38.86 13.84
CA SER B 193 2.92 -38.49 12.64
C SER B 193 2.11 -37.54 11.78
N CYS B 194 2.81 -36.58 11.16
CA CYS B 194 2.23 -35.64 10.21
C CYS B 194 2.82 -35.93 8.83
N GLN B 195 1.97 -36.38 7.91
CA GLN B 195 2.40 -36.69 6.55
C GLN B 195 2.01 -35.54 5.62
N VAL B 196 2.99 -35.03 4.88
CA VAL B 196 2.77 -33.95 3.92
C VAL B 196 3.07 -34.50 2.53
N THR B 197 2.07 -34.46 1.66
CA THR B 197 2.21 -34.92 0.28
C THR B 197 2.29 -33.70 -0.65
N HIS B 198 3.31 -33.69 -1.49
CA HIS B 198 3.55 -32.56 -2.40
C HIS B 198 4.18 -33.08 -3.67
N GLU B 199 3.46 -32.95 -4.79
CA GLU B 199 3.92 -33.43 -6.10
C GLU B 199 4.24 -34.92 -6.07
N GLY B 200 3.38 -35.69 -5.40
CA GLY B 200 3.57 -37.12 -5.27
C GLY B 200 4.56 -37.53 -4.19
N SER B 201 5.42 -36.64 -3.75
CA SER B 201 6.41 -36.94 -2.72
C SER B 201 5.81 -36.71 -1.34
N THR B 202 6.16 -37.59 -0.40
CA THR B 202 5.62 -37.56 0.95
C THR B 202 6.75 -37.35 1.96
N VAL B 203 6.59 -36.38 2.84
CA VAL B 203 7.52 -36.11 3.93
C VAL B 203 6.75 -36.27 5.24
N GLU B 204 7.26 -37.13 6.12
CA GLU B 204 6.57 -37.48 7.36
C GLU B 204 7.48 -37.27 8.55
N LYS B 205 7.01 -36.51 9.53
CA LYS B 205 7.69 -36.33 10.81
C LYS B 205 6.88 -37.00 11.91
N THR B 206 7.58 -37.52 12.91
CA THR B 206 6.97 -38.32 13.96
C THR B 206 7.40 -37.80 15.33
N VAL B 207 6.45 -37.76 16.26
CA VAL B 207 6.71 -37.42 17.66
C VAL B 207 6.14 -38.53 18.53
N ALA B 208 6.70 -38.65 19.74
CA ALA B 208 6.29 -39.67 20.68
C ALA B 208 6.16 -39.09 22.07
N PRO B 209 5.12 -39.49 22.81
CA PRO B 209 5.02 -39.05 24.22
C PRO B 209 6.11 -39.60 25.11
N THR B 210 6.77 -40.70 24.70
CA THR B 210 7.87 -41.27 25.46
C THR B 210 9.17 -40.50 25.16
N GLU B 211 9.14 -39.22 25.47
CA GLU B 211 10.25 -38.32 25.16
C GLU B 211 10.25 -37.13 26.11
N GLU C 1 25.21 22.59 -8.21
CA GLU C 1 25.23 23.45 -7.04
C GLU C 1 23.84 23.94 -6.68
N VAL C 2 23.02 24.18 -7.70
CA VAL C 2 21.67 24.71 -7.53
C VAL C 2 20.69 23.53 -7.53
N THR C 3 20.03 23.30 -6.40
CA THR C 3 19.11 22.19 -6.25
C THR C 3 17.70 22.62 -6.63
N GLN C 4 16.75 21.69 -6.49
CA GLN C 4 15.35 22.01 -6.72
C GLN C 4 14.81 22.95 -5.65
N GLU C 5 15.12 22.66 -4.38
CA GLU C 5 14.62 23.48 -3.28
C GLU C 5 15.13 24.90 -3.37
N ASP C 6 16.40 25.08 -3.76
CA ASP C 6 16.94 26.42 -3.95
C ASP C 6 16.16 27.19 -5.00
N ILE C 7 15.85 26.53 -6.12
CA ILE C 7 15.09 27.18 -7.19
C ILE C 7 13.70 27.57 -6.68
N ILE C 8 13.02 26.63 -6.01
CA ILE C 8 11.66 26.90 -5.53
C ILE C 8 11.66 28.09 -4.58
N ARG C 9 12.57 28.09 -3.59
CA ARG C 9 12.58 29.15 -2.60
C ARG C 9 12.99 30.49 -3.21
N ALA C 10 13.96 30.48 -4.13
CA ALA C 10 14.37 31.72 -4.78
C ALA C 10 13.25 32.30 -5.63
N LEU C 11 12.50 31.45 -6.33
CA LEU C 11 11.41 31.96 -7.16
C LEU C 11 10.22 32.39 -6.31
N ALA C 12 10.05 31.81 -5.13
CA ALA C 12 8.95 32.14 -4.23
C ALA C 12 9.21 33.37 -3.38
N SER C 13 10.47 33.71 -3.11
CA SER C 13 10.78 34.86 -2.26
C SER C 13 10.13 36.15 -2.70
N PRO C 14 10.20 36.57 -3.98
CA PRO C 14 9.54 37.82 -4.36
C PRO C 14 8.03 37.77 -4.22
N LEU C 15 7.42 36.61 -4.44
CA LEU C 15 5.97 36.48 -4.24
C LEU C 15 5.61 36.58 -2.76
N ILE C 16 6.47 36.08 -1.87
CA ILE C 16 6.21 36.18 -0.44
C ILE C 16 6.36 37.63 0.02
N LYS C 17 7.44 38.30 -0.40
CA LYS C 17 7.68 39.66 0.04
C LYS C 17 6.69 40.64 -0.54
N ASP C 18 6.03 40.31 -1.64
CA ASP C 18 5.02 41.17 -2.24
C ASP C 18 3.60 40.80 -1.82
N GLY C 19 3.44 39.76 -0.99
CA GLY C 19 2.14 39.45 -0.42
C GLY C 19 1.16 38.78 -1.35
N MET C 20 1.63 37.82 -2.17
CA MET C 20 0.74 37.07 -3.03
C MET C 20 0.72 35.58 -2.72
N VAL C 21 1.61 35.10 -1.85
CA VAL C 21 1.56 33.75 -1.32
C VAL C 21 1.94 33.81 0.16
N ASP C 22 1.55 32.77 0.89
CA ASP C 22 1.92 32.66 2.30
C ASP C 22 3.39 32.24 2.41
N GLU C 23 3.88 32.14 3.65
CA GLU C 23 5.27 31.75 3.86
C GLU C 23 5.49 30.28 3.53
N ASP C 24 4.56 29.41 3.93
CA ASP C 24 4.72 27.97 3.73
C ASP C 24 4.59 27.57 2.27
N PHE C 25 4.18 28.48 1.39
CA PHE C 25 3.96 28.19 -0.03
C PHE C 25 5.09 27.36 -0.63
N ALA C 26 6.32 27.89 -0.59
CA ALA C 26 7.46 27.16 -1.12
C ALA C 26 7.57 25.78 -0.51
N GLU C 27 7.47 25.68 0.83
CA GLU C 27 7.60 24.40 1.51
C GLU C 27 6.56 23.39 1.01
N TYR C 28 5.41 23.88 0.55
CA TYR C 28 4.42 22.96 -0.02
C TYR C 28 4.75 22.64 -1.47
N VAL C 29 5.19 23.64 -2.23
CA VAL C 29 5.49 23.42 -3.65
C VAL C 29 6.51 22.29 -3.78
N ILE C 30 7.63 22.41 -3.06
CA ILE C 30 8.63 21.35 -3.01
C ILE C 30 7.94 20.00 -2.80
N GLU C 31 7.09 19.94 -1.76
CA GLU C 31 6.37 18.70 -1.46
C GLU C 31 5.63 18.19 -2.69
N ARG C 32 4.82 19.07 -3.31
CA ARG C 32 4.09 18.65 -4.50
C ARG C 32 5.05 18.28 -5.63
N GLU C 33 6.17 19.01 -5.76
CA GLU C 33 7.14 18.68 -6.78
C GLU C 33 7.75 17.31 -6.56
N LYS C 34 7.64 16.76 -5.35
CA LYS C 34 8.07 15.39 -5.13
C LYS C 34 6.98 14.39 -5.54
N ARG C 35 5.71 14.75 -5.37
CA ARG C 35 4.61 13.85 -5.68
C ARG C 35 4.02 14.07 -7.05
N SER C 36 4.07 15.30 -7.58
CA SER C 36 3.54 15.61 -8.91
C SER C 36 4.59 16.41 -9.67
N PRO C 37 5.52 15.73 -10.34
CA PRO C 37 6.57 16.44 -11.08
C PRO C 37 6.02 17.30 -12.20
N THR C 38 6.81 18.29 -12.59
CA THR C 38 6.39 19.29 -13.57
C THR C 38 7.49 19.54 -14.60
N GLY C 39 8.24 18.52 -14.96
CA GLY C 39 9.30 18.66 -15.96
C GLY C 39 8.77 18.51 -17.37
N LEU C 40 9.23 19.40 -18.25
CA LEU C 40 8.79 19.42 -19.65
C LEU C 40 9.99 19.57 -20.57
N GLN C 41 9.95 18.90 -21.71
CA GLN C 41 11.01 18.91 -22.71
C GLN C 41 10.46 19.48 -24.01
N VAL C 42 10.79 20.74 -24.30
CA VAL C 42 10.29 21.40 -25.50
C VAL C 42 11.45 21.72 -26.44
N LYS C 43 11.74 20.79 -27.34
CA LYS C 43 12.80 20.95 -28.35
C LYS C 43 14.16 21.18 -27.70
N GLY C 44 14.53 20.23 -26.83
CA GLY C 44 15.83 20.27 -26.18
C GLY C 44 15.84 21.03 -24.88
N VAL C 45 15.44 22.31 -24.92
CA VAL C 45 15.42 23.14 -23.72
C VAL C 45 14.35 22.64 -22.77
N GLY C 46 14.73 22.40 -21.52
CA GLY C 46 13.80 21.90 -20.53
C GLY C 46 13.06 23.02 -19.80
N VAL C 47 11.83 22.72 -19.39
CA VAL C 47 10.95 23.68 -18.74
C VAL C 47 10.30 23.01 -17.54
N ALA C 48 10.23 23.73 -16.42
CA ALA C 48 9.57 23.27 -15.21
C ALA C 48 8.52 24.29 -14.79
N ILE C 49 7.37 23.79 -14.32
CA ILE C 49 6.28 24.66 -13.89
C ILE C 49 5.88 24.30 -12.46
N PRO C 50 6.62 24.75 -11.45
CA PRO C 50 6.22 24.46 -10.06
C PRO C 50 5.01 25.29 -9.67
N HIS C 51 4.06 24.63 -9.02
CA HIS C 51 2.81 25.29 -8.66
C HIS C 51 2.09 24.48 -7.60
N THR C 52 1.05 25.08 -7.04
CA THR C 52 0.13 24.43 -6.11
C THR C 52 -1.28 24.46 -6.70
N LEU C 53 -2.21 23.83 -6.01
CA LEU C 53 -3.60 23.78 -6.44
C LEU C 53 -4.44 24.88 -5.81
N GLY C 54 -3.83 25.98 -5.39
CA GLY C 54 -4.53 27.07 -4.75
C GLY C 54 -4.19 27.26 -3.29
N GLU C 55 -3.51 26.30 -2.68
CA GLU C 55 -3.14 26.42 -1.27
C GLU C 55 -2.08 27.50 -1.09
N TYR C 56 -2.21 28.26 0.00
CA TYR C 56 -1.26 29.31 0.37
C TYR C 56 -1.15 30.39 -0.71
N VAL C 57 -2.22 30.62 -1.46
CA VAL C 57 -2.22 31.60 -2.54
C VAL C 57 -3.21 32.70 -2.19
N ARG C 58 -2.74 33.94 -2.19
CA ARG C 58 -3.58 35.12 -1.95
C ARG C 58 -3.97 35.84 -3.23
N ASP C 59 -3.07 35.86 -4.22
CA ASP C 59 -3.35 36.50 -5.50
C ASP C 59 -2.57 35.77 -6.58
N ASN C 60 -2.91 36.06 -7.83
CA ASN C 60 -2.31 35.39 -8.98
C ASN C 60 -1.04 36.10 -9.41
N ALA C 61 -0.02 35.32 -9.75
CA ALA C 61 1.27 35.88 -10.16
C ALA C 61 2.10 34.80 -10.83
N ILE C 62 3.10 35.25 -11.59
CA ILE C 62 4.10 34.38 -12.21
C ILE C 62 5.48 34.79 -11.70
N SER C 63 6.36 33.81 -11.56
CA SER C 63 7.74 34.06 -11.17
C SER C 63 8.64 33.24 -12.08
N VAL C 64 9.47 33.91 -12.86
CA VAL C 64 10.28 33.28 -13.91
C VAL C 64 11.72 33.19 -13.43
N GLY C 65 12.32 32.01 -13.55
CA GLY C 65 13.72 31.81 -13.24
C GLY C 65 14.47 31.22 -14.42
N ILE C 66 15.62 31.81 -14.76
CA ILE C 66 16.40 31.39 -15.92
C ILE C 66 17.68 30.75 -15.41
N LEU C 67 17.75 29.43 -15.49
CA LEU C 67 18.93 28.68 -15.06
C LEU C 67 20.00 28.73 -16.13
N ASP C 68 21.18 29.26 -15.78
CA ASP C 68 22.29 29.27 -16.73
C ASP C 68 22.91 27.89 -16.91
N LYS C 69 22.88 27.07 -15.87
CA LYS C 69 23.31 25.68 -15.94
C LYS C 69 22.11 24.78 -15.64
N PRO C 70 21.86 23.76 -16.46
CA PRO C 70 20.60 23.00 -16.32
C PRO C 70 20.51 22.25 -15.01
N VAL C 71 19.29 22.21 -14.46
CA VAL C 71 19.00 21.49 -13.23
C VAL C 71 17.99 20.39 -13.57
N ASN C 72 18.23 19.19 -13.02
CA ASN C 72 17.41 18.04 -13.34
C ASN C 72 16.08 18.11 -12.59
N PHE C 73 14.99 17.97 -13.32
CA PHE C 73 13.64 17.90 -12.77
C PHE C 73 12.99 16.60 -13.22
N GLU C 74 12.24 15.97 -12.32
CA GLU C 74 11.44 14.82 -12.69
C GLU C 74 10.39 15.23 -13.71
N GLY C 75 10.19 14.38 -14.72
CA GLY C 75 9.34 14.75 -15.84
C GLY C 75 7.87 14.68 -15.48
N TRP C 76 7.09 15.60 -16.07
CA TRP C 76 5.64 15.53 -15.98
C TRP C 76 5.13 14.19 -16.51
N TYR C 77 5.76 13.69 -17.58
CA TYR C 77 5.50 12.37 -18.10
C TYR C 77 6.72 11.49 -17.84
N GLN C 78 6.48 10.18 -17.74
CA GLN C 78 7.54 9.26 -17.34
C GLN C 78 8.58 9.10 -18.43
N SER C 79 9.83 8.94 -18.01
CA SER C 79 10.96 8.74 -18.90
C SER C 79 12.09 8.10 -18.12
N PRO C 80 12.96 7.31 -18.76
CA PRO C 80 14.10 6.74 -18.02
C PRO C 80 15.07 7.78 -17.51
N ASP C 81 15.16 8.93 -18.19
CA ASP C 81 16.00 10.03 -17.78
C ASP C 81 15.15 11.25 -17.42
N PRO C 82 15.59 12.06 -16.45
CA PRO C 82 14.83 13.27 -16.10
C PRO C 82 14.89 14.34 -17.16
N VAL C 83 14.62 15.58 -16.78
CA VAL C 83 14.55 16.70 -17.70
C VAL C 83 15.56 17.76 -17.27
N PRO C 84 16.54 18.11 -18.10
CA PRO C 84 17.43 19.23 -17.77
C PRO C 84 16.73 20.57 -17.98
N VAL C 85 16.25 21.17 -16.90
CA VAL C 85 15.43 22.37 -16.97
C VAL C 85 16.31 23.61 -16.97
N ARG C 86 16.03 24.53 -17.90
CA ARG C 86 16.68 25.84 -17.94
C ARG C 86 15.74 27.00 -17.65
N VAL C 87 14.43 26.80 -17.82
CA VAL C 87 13.43 27.84 -17.62
C VAL C 87 12.38 27.33 -16.63
N VAL C 88 12.11 28.12 -15.60
CA VAL C 88 11.18 27.74 -14.54
C VAL C 88 10.08 28.78 -14.46
N PHE C 89 8.83 28.31 -14.54
CA PHE C 89 7.65 29.17 -14.41
C PHE C 89 6.97 28.83 -13.09
N MET C 90 7.34 29.56 -12.03
CA MET C 90 6.64 29.40 -10.76
C MET C 90 5.24 29.98 -10.88
N LEU C 91 4.24 29.16 -10.61
CA LEU C 91 2.83 29.50 -10.85
C LEU C 91 2.10 29.62 -9.52
N ALA C 92 1.46 30.76 -9.31
CA ALA C 92 0.67 31.03 -8.11
C ALA C 92 -0.77 31.29 -8.54
N GLY C 93 -1.56 30.22 -8.62
CA GLY C 93 -2.95 30.31 -9.04
C GLY C 93 -3.88 30.16 -7.86
N ARG C 94 -4.84 31.08 -7.76
CA ARG C 94 -5.77 31.08 -6.65
C ARG C 94 -6.88 30.05 -6.86
N THR C 95 -7.45 30.02 -8.07
CA THR C 95 -8.49 29.06 -8.43
C THR C 95 -7.97 28.12 -9.50
N TRP C 96 -8.77 27.08 -9.78
CA TRP C 96 -8.36 26.09 -10.77
C TRP C 96 -8.40 26.66 -12.18
N ASP C 97 -9.35 27.54 -12.46
CA ASP C 97 -9.46 28.11 -13.80
C ASP C 97 -8.30 29.05 -14.10
N ASP C 98 -7.84 29.80 -13.10
CA ASP C 98 -6.64 30.63 -13.27
C ASP C 98 -5.43 29.76 -13.59
N ILE C 99 -5.28 28.65 -12.87
CA ILE C 99 -4.16 27.74 -13.12
C ILE C 99 -4.26 27.16 -14.53
N VAL C 100 -5.47 26.82 -14.98
CA VAL C 100 -5.64 26.25 -16.31
C VAL C 100 -5.30 27.29 -17.38
N ASN C 101 -5.76 28.52 -17.20
CA ASN C 101 -5.44 29.58 -18.16
C ASN C 101 -3.94 29.82 -18.23
N VAL C 102 -3.27 29.88 -17.09
CA VAL C 102 -1.83 30.12 -17.09
C VAL C 102 -1.10 28.94 -17.71
N LEU C 103 -1.56 27.71 -17.45
CA LEU C 103 -0.93 26.54 -18.04
C LEU C 103 -1.08 26.54 -19.55
N LYS C 104 -2.26 26.93 -20.06
CA LYS C 104 -2.45 27.00 -21.50
C LYS C 104 -1.58 28.08 -22.11
N TRP C 105 -1.45 29.22 -21.43
CA TRP C 105 -0.59 30.29 -21.93
C TRP C 105 0.88 29.87 -21.95
N ILE C 106 1.31 29.15 -20.91
CA ILE C 106 2.70 28.67 -20.88
C ILE C 106 2.92 27.63 -21.98
N LYS C 107 1.96 26.74 -22.18
CA LYS C 107 2.03 25.80 -23.29
C LYS C 107 2.16 26.52 -24.62
N ASP C 108 1.45 27.64 -24.77
CA ASP C 108 1.51 28.39 -26.01
C ASP C 108 2.85 29.09 -26.19
N VAL C 109 3.43 29.60 -25.09
CA VAL C 109 4.65 30.39 -25.23
C VAL C 109 5.90 29.52 -25.29
N ILE C 110 5.87 28.32 -24.70
CA ILE C 110 7.06 27.47 -24.75
C ILE C 110 7.25 26.82 -26.11
N LEU C 111 6.18 26.71 -26.91
CA LEU C 111 6.34 26.21 -28.27
C LEU C 111 6.98 27.24 -29.19
N ASP C 112 7.01 28.50 -28.77
CA ASP C 112 7.67 29.56 -29.55
C ASP C 112 9.17 29.31 -29.52
N GLU C 113 9.70 28.75 -30.60
CA GLU C 113 11.09 28.32 -30.63
C GLU C 113 12.04 29.53 -30.51
N GLU C 114 11.76 30.60 -31.25
CA GLU C 114 12.63 31.76 -31.22
C GLU C 114 12.55 32.49 -29.88
N PHE C 115 11.35 32.54 -29.29
CA PHE C 115 11.22 33.18 -27.98
C PHE C 115 11.94 32.39 -26.90
N MET C 116 11.86 31.07 -26.95
CA MET C 116 12.59 30.25 -26.00
C MET C 116 14.10 30.33 -26.23
N LYS C 117 14.52 30.59 -27.48
CA LYS C 117 15.94 30.82 -27.73
C LYS C 117 16.39 32.16 -27.15
N ARG C 118 15.53 33.18 -27.25
CA ARG C 118 15.89 34.49 -26.73
C ARG C 118 15.87 34.53 -25.20
N LEU C 119 15.01 33.72 -24.58
CA LEU C 119 14.89 33.75 -23.12
C LEU C 119 16.18 33.37 -22.42
N LEU C 120 16.99 32.52 -23.04
CA LEU C 120 18.24 32.07 -22.45
C LEU C 120 19.41 33.02 -22.71
N THR C 121 19.15 34.18 -23.30
CA THR C 121 20.20 35.17 -23.53
C THR C 121 19.82 36.59 -23.15
N MET C 122 18.54 36.93 -23.06
CA MET C 122 18.15 38.29 -22.74
C MET C 122 18.33 38.59 -21.26
N SER C 123 18.45 39.88 -20.94
CA SER C 123 18.60 40.31 -19.56
C SER C 123 17.24 40.29 -18.86
N ASP C 124 17.26 40.60 -17.55
CA ASP C 124 16.04 40.55 -16.77
C ASP C 124 15.02 41.56 -17.27
N GLU C 125 15.46 42.76 -17.63
CA GLU C 125 14.54 43.80 -18.07
C GLU C 125 13.90 43.43 -19.41
N GLU C 126 14.68 42.88 -20.32
CA GLU C 126 14.14 42.51 -21.64
C GLU C 126 13.18 41.34 -21.51
N ILE C 127 13.52 40.36 -20.68
CA ILE C 127 12.60 39.25 -20.41
C ILE C 127 11.30 39.79 -19.80
N TYR C 128 11.40 40.74 -18.87
CA TYR C 128 10.21 41.33 -18.28
C TYR C 128 9.35 42.01 -19.34
N ARG C 129 9.98 42.80 -20.21
CA ARG C 129 9.21 43.50 -21.24
C ARG C 129 8.53 42.52 -22.19
N GLN C 130 9.25 41.49 -22.64
CA GLN C 130 8.68 40.51 -23.55
C GLN C 130 7.52 39.77 -22.91
N ILE C 131 7.70 39.30 -21.68
CA ILE C 131 6.65 38.53 -21.01
C ILE C 131 5.46 39.43 -20.69
N TYR C 132 5.69 40.71 -20.37
CA TYR C 132 4.60 41.63 -20.11
C TYR C 132 3.79 41.89 -21.37
N THR C 133 4.47 42.06 -22.51
CA THR C 133 3.76 42.23 -23.78
C THR C 133 2.97 40.97 -24.14
N ARG C 134 3.54 39.79 -23.89
CA ARG C 134 2.83 38.56 -24.19
C ARG C 134 1.69 38.27 -23.21
N ILE C 135 1.76 38.84 -22.01
CA ILE C 135 0.67 38.68 -21.04
C ILE C 135 -0.47 39.63 -21.37
N SER C 136 -0.16 40.88 -21.73
CA SER C 136 -1.21 41.83 -22.06
C SER C 136 -2.02 41.39 -23.27
N LYS C 137 -1.39 40.71 -24.23
CA LYS C 137 -2.08 40.25 -25.42
C LYS C 137 -2.93 39.00 -25.16
N ALA C 138 -2.77 38.35 -24.01
CA ALA C 138 -3.54 37.15 -23.70
C ALA C 138 -4.76 37.53 -22.88
N PRO C 139 -5.98 37.35 -23.39
CA PRO C 139 -7.16 37.72 -22.60
C PRO C 139 -7.42 36.81 -21.41
N GLY C 140 -6.81 35.64 -21.38
CA GLY C 140 -6.99 34.73 -20.27
C GLY C 140 -5.97 34.92 -19.16
N MET C 141 -4.87 35.60 -19.48
CA MET C 141 -3.80 35.82 -18.52
C MET C 141 -4.02 37.06 -17.66
N ARG C 142 -4.70 38.08 -18.18
CA ARG C 142 -4.85 39.31 -17.41
C ARG C 142 -5.68 39.05 -16.16
N GLY C 143 -5.31 39.74 -15.08
CA GLY C 143 -5.66 39.36 -13.74
C GLY C 143 -4.53 38.69 -12.99
N ILE C 144 -3.53 38.19 -13.72
CA ILE C 144 -2.31 37.65 -13.13
C ILE C 144 -1.30 38.79 -13.03
N HIS C 145 -0.69 38.93 -11.86
CA HIS C 145 0.28 39.99 -11.65
C HIS C 145 1.67 39.56 -12.13
N PHE C 146 2.42 40.52 -12.63
CA PHE C 146 3.78 40.27 -13.11
C PHE C 146 4.58 41.55 -12.98
N LYS C 147 5.59 41.54 -12.12
CA LYS C 147 6.41 42.71 -11.84
C LYS C 147 7.84 42.48 -12.32
N ARG C 148 8.63 43.56 -12.30
CA ARG C 148 10.01 43.48 -12.75
C ARG C 148 10.85 42.56 -11.86
N GLU C 149 10.52 42.48 -10.57
CA GLU C 149 11.27 41.67 -9.63
C GLU C 149 10.81 40.22 -9.60
N TYR C 150 10.06 39.78 -10.59
CA TYR C 150 9.62 38.39 -10.68
C TYR C 150 10.46 37.58 -11.67
N VAL C 151 11.58 38.14 -12.14
CA VAL C 151 12.47 37.48 -13.08
C VAL C 151 13.89 37.53 -12.50
N ARG C 152 14.59 36.40 -12.55
CA ARG C 152 15.94 36.35 -12.01
C ARG C 152 16.70 35.19 -12.65
N HIS C 153 18.02 35.37 -12.75
CA HIS C 153 18.92 34.32 -13.20
C HIS C 153 19.52 33.61 -11.99
N LEU C 154 19.69 32.30 -12.12
CA LEU C 154 20.19 31.46 -11.05
C LEU C 154 21.41 30.69 -11.57
N GLY C 155 22.53 31.39 -11.70
CA GLY C 155 23.76 30.78 -12.18
C GLY C 155 24.77 30.50 -11.09
OH2 1PE D . -1.35 -16.08 -7.43
C12 1PE D . -2.08 -16.05 -6.24
C22 1PE D . -2.02 -14.64 -5.65
OH3 1PE D . -2.47 -14.67 -4.32
C13 1PE D . -4.49 -15.42 -3.26
C23 1PE D . -3.83 -14.38 -4.16
OH4 1PE D . -5.51 -14.82 -2.52
C14 1PE D . -7.77 -15.51 -2.93
C24 1PE D . -6.51 -15.70 -2.08
OH5 1PE D . -8.56 -14.49 -2.39
C15 1PE D . -9.44 -12.56 -3.48
C25 1PE D . -8.23 -13.21 -2.81
OH6 1PE D . -9.02 -11.94 -4.67
C16 1PE D . -9.55 -11.61 -6.97
C26 1PE D . -10.07 -11.63 -5.53
OH7 1PE D . -10.64 -11.64 -7.86
N1 IMD E . -8.82 9.97 -21.30
C2 IMD E . -8.97 8.77 -21.91
N3 IMD E . -8.24 8.79 -23.05
C4 IMD E . -7.62 9.98 -23.15
C5 IMD E . -7.99 10.73 -22.03
#